data_2HBC
#
_entry.id   2HBC
#
_cell.length_a   54.050
_cell.length_b   54.050
_cell.length_c   193.800
_cell.angle_alpha   90.00
_cell.angle_beta   90.00
_cell.angle_gamma   90.00
#
_symmetry.space_group_name_H-M   'P 41 21 2'
#
loop_
_entity.id
_entity.type
_entity.pdbx_description
1 polymer 'HEMOGLOBIN A (ETHYL ISOCYANIDE) (ALPHA CHAIN)'
2 polymer 'HEMOGLOBIN A (ETHYL ISOCYANIDE) (BETA CHAIN)'
3 non-polymer 'PROTOPORPHYRIN IX CONTAINING FE'
4 non-polymer 'ETHYL ISOCYANIDE'
5 water water
#
loop_
_entity_poly.entity_id
_entity_poly.type
_entity_poly.pdbx_seq_one_letter_code
_entity_poly.pdbx_strand_id
1 'polypeptide(L)'
;VLSPADKTNVKAAWGKVGAHAGEYGAEALERMFLSFPTTKTYFPHFDLSHGSAQVKGHGKKVADALTNAVAHVDDMPNAL
SALSDLHAHKLRVDPVNFKLLSHCLLVTLAAHLPAEFTPAVHASLDKFLASVSTVLTSKYR
;
A
2 'polypeptide(L)'
;VHLTPEEKSAVTALWGKVNVDEVGGEALGRLLVVYPWTQRFFESFGDLSTPDAVMGNPKVKAHGKKVLGAFSDGLAHLDN
LKGTFATLSELHCDKLHVDPENFRLLGNVLVCVLAHHFGKEFTPPVQAAYQKVVAGVANALAHKYH
;
B
#
loop_
_chem_comp.id
_chem_comp.type
_chem_comp.name
_chem_comp.formula
ENC non-polymer 'ETHYL ISOCYANIDE' 'C3 H6 N 1'
HEM non-polymer 'PROTOPORPHYRIN IX CONTAINING FE' 'C34 H32 Fe N4 O4'
#
# COMPACT_ATOMS: atom_id res chain seq x y z
N VAL A 1 -19.29 3.06 -2.45
CA VAL A 1 -20.06 3.82 -1.44
C VAL A 1 -19.37 5.11 -0.97
N LEU A 2 -18.50 5.05 0.05
CA LEU A 2 -17.92 6.24 0.67
C LEU A 2 -18.89 7.01 1.56
N SER A 3 -18.77 6.76 2.85
CA SER A 3 -19.72 7.31 3.79
C SER A 3 -19.49 8.82 3.91
N PRO A 4 -20.32 9.50 4.72
CA PRO A 4 -20.03 10.91 5.00
C PRO A 4 -18.71 11.11 5.76
N ALA A 5 -18.42 10.20 6.68
CA ALA A 5 -17.16 10.30 7.38
C ALA A 5 -15.95 10.10 6.46
N ASP A 6 -16.07 9.22 5.47
CA ASP A 6 -14.98 9.10 4.49
C ASP A 6 -14.77 10.41 3.72
N LYS A 7 -15.84 10.95 3.15
CA LYS A 7 -15.78 12.23 2.45
C LYS A 7 -15.08 13.35 3.25
N THR A 8 -15.45 13.48 4.53
CA THR A 8 -14.75 14.39 5.44
C THR A 8 -13.27 14.05 5.52
N ASN A 9 -12.96 12.76 5.62
CA ASN A 9 -11.56 12.34 5.82
C ASN A 9 -10.66 12.70 4.63
N VAL A 10 -11.12 12.31 3.45
CA VAL A 10 -10.43 12.54 2.22
C VAL A 10 -10.25 14.04 1.99
N LYS A 11 -11.31 14.83 2.22
CA LYS A 11 -11.22 16.30 2.09
C LYS A 11 -10.24 16.90 3.08
N ALA A 12 -10.28 16.48 4.32
CA ALA A 12 -9.30 17.01 5.27
C ALA A 12 -7.91 16.68 4.80
N ALA A 13 -7.66 15.42 4.48
CA ALA A 13 -6.31 14.99 4.12
C ALA A 13 -5.80 15.61 2.78
N TRP A 14 -6.66 15.74 1.78
CA TRP A 14 -6.25 16.44 0.57
C TRP A 14 -5.98 17.90 0.94
N GLY A 15 -6.77 18.43 1.87
CA GLY A 15 -6.49 19.75 2.36
C GLY A 15 -5.04 19.90 2.89
N LYS A 16 -4.65 19.08 3.83
CA LYS A 16 -3.29 19.14 4.32
C LYS A 16 -2.28 19.17 3.17
N VAL A 17 -2.63 18.48 2.08
CA VAL A 17 -1.66 18.25 1.00
C VAL A 17 -1.47 19.57 0.30
N GLY A 18 -2.59 20.19 -0.03
CA GLY A 18 -2.53 21.55 -0.52
C GLY A 18 -1.61 21.72 -1.70
N ALA A 19 -0.76 22.72 -1.64
CA ALA A 19 0.02 23.06 -2.79
C ALA A 19 1.15 22.07 -3.07
N HIS A 20 1.33 21.03 -2.26
CA HIS A 20 2.28 19.97 -2.61
C HIS A 20 1.69 18.85 -3.51
N ALA A 21 0.44 18.93 -3.93
CA ALA A 21 -0.19 17.71 -4.44
C ALA A 21 0.53 17.18 -5.66
N GLY A 22 0.92 18.09 -6.55
CA GLY A 22 1.69 17.71 -7.72
C GLY A 22 3.05 17.14 -7.41
N GLU A 23 3.69 17.63 -6.35
CA GLU A 23 4.96 17.09 -5.94
C GLU A 23 4.80 15.64 -5.42
N TYR A 24 3.64 15.39 -4.81
CA TYR A 24 3.38 14.09 -4.19
C TYR A 24 3.04 13.12 -5.30
N GLY A 25 2.39 13.66 -6.32
CA GLY A 25 2.12 12.87 -7.50
C GLY A 25 3.35 12.35 -8.19
N ALA A 26 4.39 13.20 -8.34
CA ALA A 26 5.55 12.82 -9.13
C ALA A 26 6.39 11.82 -8.33
N GLU A 27 6.32 11.96 -7.01
CA GLU A 27 6.93 11.00 -6.07
C GLU A 27 6.24 9.62 -6.08
N ALA A 28 4.91 9.65 -6.05
CA ALA A 28 4.11 8.46 -6.22
C ALA A 28 4.43 7.72 -7.49
N LEU A 29 4.58 8.42 -8.61
CA LEU A 29 4.91 7.78 -9.90
C LEU A 29 6.29 7.14 -9.88
N GLU A 30 7.24 7.91 -9.39
CA GLU A 30 8.57 7.40 -9.12
C GLU A 30 8.59 6.17 -8.20
N ARG A 31 7.70 6.15 -7.19
CA ARG A 31 7.58 4.99 -6.32
C ARG A 31 7.06 3.81 -7.09
N MET A 32 6.05 4.04 -7.94
CA MET A 32 5.51 2.93 -8.73
C MET A 32 6.52 2.35 -9.72
N PHE A 33 7.25 3.22 -10.41
CA PHE A 33 8.16 2.75 -11.47
C PHE A 33 9.29 1.93 -10.89
N LEU A 34 9.80 2.33 -9.73
CA LEU A 34 10.89 1.56 -9.17
C LEU A 34 10.41 0.26 -8.57
N SER A 35 9.21 0.27 -7.99
CA SER A 35 8.75 -0.87 -7.22
C SER A 35 8.10 -1.86 -8.11
N PHE A 36 7.41 -1.37 -9.14
CA PHE A 36 6.63 -2.25 -9.99
C PHE A 36 6.99 -2.03 -11.43
N PRO A 37 8.15 -2.57 -11.87
CA PRO A 37 8.79 -2.33 -13.18
C PRO A 37 7.88 -2.67 -14.37
N THR A 38 6.90 -3.50 -14.11
CA THR A 38 5.94 -3.91 -15.11
C THR A 38 5.04 -2.74 -15.60
N THR A 39 4.98 -1.68 -14.80
CA THR A 39 4.09 -0.55 -15.06
C THR A 39 4.77 0.35 -16.08
N LYS A 40 6.08 0.15 -16.24
CA LYS A 40 6.94 0.99 -17.10
C LYS A 40 6.60 0.82 -18.58
N THR A 41 6.31 -0.42 -18.93
CA THR A 41 5.66 -0.86 -20.13
C THR A 41 4.72 0.14 -20.77
N TYR A 42 4.08 0.96 -19.97
CA TYR A 42 3.06 1.87 -20.46
C TYR A 42 3.71 3.25 -20.71
N PHE A 43 4.97 3.39 -20.38
CA PHE A 43 5.62 4.66 -20.53
C PHE A 43 6.95 4.50 -21.25
N PRO A 44 6.91 3.97 -22.49
CA PRO A 44 8.13 3.77 -23.29
C PRO A 44 8.70 5.09 -23.76
N HIS A 45 7.83 6.04 -24.04
CA HIS A 45 8.34 7.35 -24.44
C HIS A 45 8.83 8.27 -23.31
N PHE A 46 8.72 7.80 -22.06
CA PHE A 46 9.11 8.66 -20.96
C PHE A 46 10.51 8.28 -20.66
N ASP A 47 11.26 9.26 -20.23
CA ASP A 47 12.41 9.05 -19.42
C ASP A 47 11.96 8.94 -17.93
N LEU A 48 12.38 7.88 -17.24
CA LEU A 48 11.89 7.52 -15.94
C LEU A 48 13.04 7.65 -14.95
N SER A 49 13.98 8.52 -15.24
CA SER A 49 15.10 8.71 -14.35
C SER A 49 14.72 9.65 -13.24
N HIS A 50 15.46 9.59 -12.15
CA HIS A 50 15.09 10.38 -11.00
C HIS A 50 14.68 11.83 -11.25
N GLY A 51 15.27 12.50 -12.23
CA GLY A 51 14.98 13.91 -12.32
C GLY A 51 14.03 14.19 -13.45
N SER A 52 13.47 13.16 -14.04
CA SER A 52 12.79 13.35 -15.30
C SER A 52 11.80 14.47 -15.20
N ALA A 53 11.96 15.52 -16.01
CA ALA A 53 10.87 16.50 -16.13
C ALA A 53 9.55 15.84 -16.56
N GLN A 54 9.63 14.71 -17.25
CA GLN A 54 8.40 14.03 -17.65
C GLN A 54 7.68 13.45 -16.47
N VAL A 55 8.39 12.81 -15.55
CA VAL A 55 7.71 12.29 -14.37
C VAL A 55 7.11 13.42 -13.55
N LYS A 56 7.89 14.48 -13.33
CA LYS A 56 7.37 15.69 -12.67
C LYS A 56 6.08 16.18 -13.33
N GLY A 57 6.11 16.29 -14.65
CA GLY A 57 5.01 16.88 -15.36
C GLY A 57 3.82 15.96 -15.27
N HIS A 58 4.03 14.66 -15.36
CA HIS A 58 2.87 13.79 -15.31
C HIS A 58 2.27 13.68 -13.89
N GLY A 59 3.14 13.74 -12.89
CA GLY A 59 2.76 13.72 -11.48
C GLY A 59 1.79 14.83 -11.14
N LYS A 60 1.92 16.01 -11.75
CA LYS A 60 0.95 17.11 -11.64
C LYS A 60 -0.39 16.79 -12.28
N LYS A 61 -0.36 16.21 -13.49
CA LYS A 61 -1.59 15.81 -14.18
C LYS A 61 -2.44 14.84 -13.34
N VAL A 62 -1.77 13.85 -12.77
CA VAL A 62 -2.39 12.90 -11.86
C VAL A 62 -2.94 13.58 -10.64
N ALA A 63 -2.14 14.44 -10.02
CA ALA A 63 -2.55 15.17 -8.81
C ALA A 63 -3.79 16.03 -9.11
N ASP A 64 -3.84 16.61 -10.31
CA ASP A 64 -4.94 17.47 -10.66
C ASP A 64 -6.17 16.68 -10.83
N ALA A 65 -6.05 15.51 -11.47
CA ALA A 65 -7.18 14.62 -11.66
C ALA A 65 -7.77 14.14 -10.36
N LEU A 66 -6.90 13.89 -9.39
CA LEU A 66 -7.41 13.39 -8.11
C LEU A 66 -8.09 14.53 -7.33
N THR A 67 -7.51 15.72 -7.43
CA THR A 67 -8.10 16.94 -6.95
C THR A 67 -9.47 17.21 -7.53
N ASN A 68 -9.64 17.06 -8.85
CA ASN A 68 -10.96 17.14 -9.46
C ASN A 68 -12.00 16.15 -8.90
N ALA A 69 -11.56 14.89 -8.70
CA ALA A 69 -12.38 13.86 -8.02
C ALA A 69 -12.80 14.16 -6.55
N VAL A 70 -11.84 14.61 -5.73
CA VAL A 70 -12.18 15.10 -4.40
C VAL A 70 -13.21 16.21 -4.47
N ALA A 71 -12.97 17.19 -5.32
CA ALA A 71 -13.88 18.31 -5.46
C ALA A 71 -15.28 17.86 -5.90
N HIS A 72 -15.33 16.74 -6.63
CA HIS A 72 -16.56 16.27 -7.23
C HIS A 72 -16.81 14.84 -6.81
N VAL A 73 -16.72 14.63 -5.49
CA VAL A 73 -16.67 13.29 -4.93
C VAL A 73 -18.01 12.56 -4.93
N ASP A 74 -19.10 13.31 -5.14
CA ASP A 74 -20.43 12.71 -5.22
C ASP A 74 -20.89 12.52 -6.63
N ASP A 75 -20.12 13.04 -7.58
CA ASP A 75 -20.37 12.71 -8.96
C ASP A 75 -19.07 12.52 -9.72
N MET A 76 -18.37 11.48 -9.29
CA MET A 76 -17.08 11.07 -9.83
C MET A 76 -17.14 10.48 -11.27
N PRO A 77 -18.12 9.63 -11.58
CA PRO A 77 -18.11 9.03 -12.92
C PRO A 77 -18.15 10.09 -14.02
N ASN A 78 -18.88 11.18 -13.77
CA ASN A 78 -18.95 12.29 -14.71
C ASN A 78 -17.67 13.06 -14.75
N ALA A 79 -17.24 13.53 -13.56
CA ALA A 79 -15.95 14.19 -13.39
C ALA A 79 -14.89 13.44 -14.16
N LEU A 80 -14.91 12.14 -14.05
CA LEU A 80 -13.81 11.37 -14.57
C LEU A 80 -14.07 10.69 -15.92
N SER A 81 -15.19 11.02 -16.58
CA SER A 81 -15.64 10.29 -17.78
C SER A 81 -14.52 10.19 -18.79
N ALA A 82 -14.05 11.38 -19.16
CA ALA A 82 -12.98 11.57 -20.12
C ALA A 82 -11.75 10.72 -19.83
N LEU A 83 -11.26 10.77 -18.58
CA LEU A 83 -10.14 9.95 -18.16
C LEU A 83 -10.43 8.47 -18.25
N SER A 84 -11.68 8.09 -17.93
CA SER A 84 -12.15 6.71 -18.13
C SER A 84 -11.90 6.22 -19.56
N ASP A 85 -12.46 6.98 -20.50
CA ASP A 85 -12.26 6.69 -21.90
C ASP A 85 -10.81 6.59 -22.28
N LEU A 86 -10.00 7.52 -21.81
CA LEU A 86 -8.61 7.55 -22.19
C LEU A 86 -7.92 6.27 -21.68
N HIS A 87 -8.25 5.83 -20.47
CA HIS A 87 -7.48 4.81 -19.78
C HIS A 87 -7.97 3.38 -20.12
N ALA A 88 -9.29 3.20 -20.15
CA ALA A 88 -9.90 1.90 -20.45
C ALA A 88 -10.01 1.63 -21.95
N HIS A 89 -10.34 2.68 -22.70
CA HIS A 89 -10.63 2.51 -24.12
C HIS A 89 -9.48 2.85 -25.06
N LYS A 90 -8.60 3.78 -24.67
CA LYS A 90 -7.54 4.23 -25.56
C LYS A 90 -6.27 3.51 -25.20
N LEU A 91 -5.80 3.65 -23.97
CA LEU A 91 -4.49 3.06 -23.59
C LEU A 91 -4.58 1.57 -23.16
N ARG A 92 -5.81 1.07 -23.00
CA ARG A 92 -6.13 -0.21 -22.37
C ARG A 92 -5.26 -0.52 -21.18
N VAL A 93 -5.45 0.21 -20.08
CA VAL A 93 -4.53 0.00 -18.98
C VAL A 93 -5.02 -1.15 -18.15
N ASP A 94 -4.15 -2.11 -17.93
CA ASP A 94 -4.40 -3.25 -17.12
C ASP A 94 -4.91 -2.82 -15.73
N PRO A 95 -6.04 -3.37 -15.29
CA PRO A 95 -6.63 -2.80 -14.11
C PRO A 95 -5.81 -3.03 -12.86
N VAL A 96 -4.96 -4.06 -12.86
CA VAL A 96 -4.18 -4.39 -11.70
C VAL A 96 -3.25 -3.19 -11.39
N ASN A 97 -2.92 -2.45 -12.44
CA ASN A 97 -2.04 -1.34 -12.27
C ASN A 97 -2.66 -0.20 -11.44
N PHE A 98 -4.00 -0.09 -11.41
CA PHE A 98 -4.62 0.92 -10.55
C PHE A 98 -4.41 0.63 -9.07
N LYS A 99 -4.31 -0.65 -8.69
CA LYS A 99 -4.05 -1.03 -7.28
C LYS A 99 -2.65 -0.62 -6.96
N LEU A 100 -1.74 -0.88 -7.86
CA LEU A 100 -0.36 -0.52 -7.62
C LEU A 100 -0.16 0.96 -7.50
N LEU A 101 -0.83 1.77 -8.29
CA LEU A 101 -0.59 3.20 -8.16
C LEU A 101 -1.28 3.69 -6.85
N SER A 102 -2.46 3.19 -6.53
CA SER A 102 -3.12 3.62 -5.32
C SER A 102 -2.24 3.27 -4.17
N HIS A 103 -1.55 2.12 -4.22
CA HIS A 103 -0.70 1.73 -3.10
C HIS A 103 0.46 2.72 -2.98
N CYS A 104 1.05 3.06 -4.12
CA CYS A 104 2.16 3.99 -4.06
C CYS A 104 1.76 5.38 -3.60
N LEU A 105 0.54 5.78 -3.92
CA LEU A 105 -0.01 7.05 -3.44
C LEU A 105 -0.17 7.02 -1.90
N LEU A 106 -0.71 5.92 -1.37
CA LEU A 106 -0.92 5.80 0.07
C LEU A 106 0.41 5.89 0.78
N VAL A 107 1.42 5.19 0.25
CA VAL A 107 2.78 5.27 0.82
C VAL A 107 3.26 6.72 0.79
N THR A 108 2.89 7.53 -0.20
CA THR A 108 3.54 8.81 -0.31
C THR A 108 2.91 9.66 0.76
N LEU A 109 1.60 9.56 0.90
CA LEU A 109 0.83 10.29 1.88
C LEU A 109 1.29 9.90 3.29
N ALA A 110 1.57 8.63 3.54
CA ALA A 110 2.12 8.26 4.85
C ALA A 110 3.48 8.87 5.04
N ALA A 111 4.29 8.97 3.97
CA ALA A 111 5.61 9.55 4.08
C ALA A 111 5.53 11.06 4.41
N HIS A 112 4.37 11.68 4.24
CA HIS A 112 4.34 13.14 4.28
C HIS A 112 3.39 13.73 5.31
N LEU A 113 2.44 12.93 5.79
CA LEU A 113 1.37 13.41 6.64
C LEU A 113 1.40 12.59 7.88
N PRO A 114 2.45 12.75 8.71
CA PRO A 114 2.57 11.97 9.96
C PRO A 114 1.33 12.03 10.86
N ALA A 115 0.78 13.23 11.04
CA ALA A 115 -0.31 13.36 11.95
C ALA A 115 -1.59 12.87 11.34
N GLU A 116 -1.81 13.10 10.05
CA GLU A 116 -3.18 12.89 9.47
C GLU A 116 -3.44 11.52 8.88
N PHE A 117 -2.37 10.74 8.75
CA PHE A 117 -2.50 9.40 8.27
C PHE A 117 -2.77 8.48 9.43
N THR A 118 -3.96 8.63 10.02
CA THR A 118 -4.41 7.70 11.04
C THR A 118 -4.96 6.43 10.40
N PRO A 119 -5.20 5.39 11.21
CA PRO A 119 -5.92 4.25 10.63
C PRO A 119 -7.24 4.63 9.87
N ALA A 120 -8.02 5.53 10.46
CA ALA A 120 -9.33 5.85 9.92
C ALA A 120 -9.21 6.56 8.56
N VAL A 121 -8.29 7.52 8.47
CA VAL A 121 -8.10 8.26 7.23
C VAL A 121 -7.46 7.38 6.16
N HIS A 122 -6.60 6.46 6.61
CA HIS A 122 -5.98 5.48 5.77
C HIS A 122 -7.11 4.68 5.11
N ALA A 123 -8.14 4.31 5.87
CA ALA A 123 -9.21 3.45 5.33
C ALA A 123 -9.98 4.25 4.28
N SER A 124 -10.41 5.46 4.68
CA SER A 124 -11.07 6.38 3.79
C SER A 124 -10.33 6.57 2.51
N LEU A 125 -9.04 6.95 2.62
CA LEU A 125 -8.18 7.21 1.46
C LEU A 125 -8.14 6.01 0.51
N ASP A 126 -7.98 4.79 1.05
CA ASP A 126 -8.08 3.54 0.31
C ASP A 126 -9.42 3.41 -0.41
N LYS A 127 -10.49 3.75 0.30
CA LYS A 127 -11.81 3.57 -0.25
C LYS A 127 -11.95 4.59 -1.35
N PHE A 128 -11.31 5.74 -1.18
CA PHE A 128 -11.49 6.80 -2.17
C PHE A 128 -10.73 6.38 -3.44
N LEU A 129 -9.50 5.89 -3.28
CA LEU A 129 -8.67 5.49 -4.45
C LEU A 129 -9.18 4.25 -5.20
N ALA A 130 -9.84 3.33 -4.51
CA ALA A 130 -10.56 2.24 -5.20
C ALA A 130 -11.79 2.71 -5.94
N SER A 131 -12.56 3.63 -5.37
CA SER A 131 -13.61 4.28 -6.16
C SER A 131 -13.04 4.96 -7.43
N VAL A 132 -11.87 5.58 -7.33
CA VAL A 132 -11.39 6.28 -8.49
C VAL A 132 -11.06 5.23 -9.53
N SER A 133 -10.50 4.11 -9.08
CA SER A 133 -10.07 3.07 -10.00
C SER A 133 -11.22 2.34 -10.60
N THR A 134 -12.29 2.12 -9.84
CA THR A 134 -13.53 1.56 -10.41
C THR A 134 -14.04 2.45 -11.55
N VAL A 135 -14.02 3.77 -11.37
CA VAL A 135 -14.52 4.63 -12.42
C VAL A 135 -13.59 4.63 -13.67
N LEU A 136 -12.28 4.64 -13.46
CA LEU A 136 -11.32 4.62 -14.56
C LEU A 136 -11.16 3.25 -15.29
N THR A 137 -11.74 2.19 -14.77
CA THR A 137 -11.66 0.96 -15.50
C THR A 137 -13.08 0.62 -15.95
N SER A 138 -14.04 1.50 -15.65
CA SER A 138 -15.45 1.13 -15.71
C SER A 138 -15.95 0.97 -17.13
N LYS A 139 -15.22 1.56 -18.06
CA LYS A 139 -15.49 1.27 -19.44
C LYS A 139 -15.28 -0.22 -19.72
N TYR A 140 -14.29 -0.84 -19.05
CA TYR A 140 -14.11 -2.29 -19.12
C TYR A 140 -15.34 -3.09 -18.67
N ARG A 141 -16.12 -2.55 -17.75
CA ARG A 141 -17.21 -3.31 -17.15
C ARG A 141 -18.61 -2.85 -17.58
N VAL B 1 13.68 -13.77 -4.50
CA VAL B 1 14.13 -12.47 -3.92
C VAL B 1 15.65 -12.47 -3.74
N HIS B 2 16.36 -11.84 -4.67
CA HIS B 2 17.81 -11.87 -4.64
C HIS B 2 18.43 -10.73 -3.83
N LEU B 3 18.06 -9.52 -4.19
CA LEU B 3 18.54 -8.32 -3.46
C LEU B 3 20.03 -8.02 -3.71
N THR B 4 20.24 -6.88 -4.34
CA THR B 4 21.57 -6.45 -4.68
C THR B 4 22.18 -5.97 -3.37
N PRO B 5 23.52 -5.84 -3.30
CA PRO B 5 24.09 -5.35 -2.03
C PRO B 5 23.52 -3.99 -1.57
N GLU B 6 23.18 -3.10 -2.50
CA GLU B 6 22.67 -1.82 -2.06
C GLU B 6 21.24 -1.90 -1.59
N GLU B 7 20.53 -2.94 -2.03
CA GLU B 7 19.16 -3.14 -1.57
C GLU B 7 19.13 -3.73 -0.16
N LYS B 8 20.04 -4.67 0.07
CA LYS B 8 20.11 -5.28 1.36
C LYS B 8 20.64 -4.25 2.33
N SER B 9 21.51 -3.39 1.82
CA SER B 9 22.00 -2.26 2.58
C SER B 9 20.79 -1.41 3.02
N ALA B 10 19.93 -1.02 2.06
CA ALA B 10 18.74 -0.18 2.35
C ALA B 10 17.75 -0.86 3.29
N VAL B 11 17.53 -2.14 3.04
CA VAL B 11 16.55 -2.87 3.78
C VAL B 11 17.00 -2.99 5.25
N THR B 12 18.30 -3.16 5.42
CA THR B 12 18.89 -3.55 6.69
C THR B 12 19.14 -2.36 7.62
N ALA B 13 19.64 -1.26 7.06
CA ALA B 13 19.71 -0.06 7.85
C ALA B 13 18.36 0.33 8.47
N LEU B 14 17.27 0.22 7.72
CA LEU B 14 15.97 0.65 8.24
C LEU B 14 15.47 -0.35 9.29
N TRP B 15 15.57 -1.63 8.94
CA TRP B 15 14.93 -2.63 9.75
C TRP B 15 15.43 -2.58 11.21
N GLY B 16 16.72 -2.25 11.35
CA GLY B 16 17.34 -2.14 12.66
C GLY B 16 16.77 -1.03 13.49
N LYS B 17 16.24 -0.01 12.85
CA LYS B 17 15.73 1.13 13.57
C LYS B 17 14.28 0.96 13.99
N VAL B 18 13.70 -0.21 13.70
CA VAL B 18 12.24 -0.32 13.59
C VAL B 18 11.75 -0.65 14.97
N ASN B 19 10.82 0.12 15.52
CA ASN B 19 10.35 -0.27 16.84
C ASN B 19 9.58 -1.59 16.79
N VAL B 20 10.24 -2.66 17.19
CA VAL B 20 9.65 -3.96 17.02
C VAL B 20 8.49 -4.28 17.98
N ASP B 21 8.36 -3.53 19.06
CA ASP B 21 7.24 -3.77 19.97
C ASP B 21 5.98 -3.12 19.44
N GLU B 22 6.12 -2.26 18.44
CA GLU B 22 5.04 -1.37 18.04
C GLU B 22 4.52 -1.64 16.64
N VAL B 23 5.42 -1.48 15.67
CA VAL B 23 5.16 -1.55 14.23
C VAL B 23 4.32 -2.76 13.80
N GLY B 24 4.57 -3.90 14.44
CA GLY B 24 3.79 -5.09 14.18
C GLY B 24 2.32 -4.90 14.51
N GLY B 25 2.05 -4.27 15.65
CA GLY B 25 0.68 -4.09 16.06
C GLY B 25 -0.05 -3.10 15.19
N GLU B 26 0.69 -2.07 14.73
CA GLU B 26 0.17 -1.09 13.75
C GLU B 26 -0.17 -1.70 12.39
N ALA B 27 0.59 -2.68 11.92
CA ALA B 27 0.33 -3.23 10.59
C ALA B 27 -0.99 -4.00 10.65
N LEU B 28 -1.15 -4.81 11.71
CA LEU B 28 -2.29 -5.74 11.85
C LEU B 28 -3.58 -4.96 12.14
N GLY B 29 -3.51 -3.98 13.04
CA GLY B 29 -4.69 -3.18 13.27
C GLY B 29 -5.17 -2.53 11.98
N ARG B 30 -4.21 -1.96 11.26
CA ARG B 30 -4.50 -1.33 9.99
C ARG B 30 -5.04 -2.35 8.96
N LEU B 31 -4.46 -3.56 8.90
CA LEU B 31 -5.08 -4.60 8.08
C LEU B 31 -6.60 -4.78 8.39
N LEU B 32 -6.93 -4.99 9.67
CA LEU B 32 -8.31 -5.23 10.12
C LEU B 32 -9.18 -4.05 9.80
N VAL B 33 -8.66 -2.85 10.03
CA VAL B 33 -9.42 -1.65 9.83
C VAL B 33 -9.67 -1.39 8.35
N VAL B 34 -8.60 -1.38 7.55
CA VAL B 34 -8.71 -1.01 6.10
C VAL B 34 -9.36 -2.14 5.28
N TYR B 35 -9.12 -3.39 5.63
CA TYR B 35 -9.64 -4.53 4.87
C TYR B 35 -10.40 -5.42 5.83
N PRO B 36 -11.61 -5.00 6.23
CA PRO B 36 -12.40 -5.63 7.28
C PRO B 36 -12.82 -7.08 7.11
N TRP B 37 -12.78 -7.65 5.88
CA TRP B 37 -13.01 -9.10 5.76
C TRP B 37 -12.02 -9.92 6.56
N THR B 38 -10.84 -9.37 6.78
CA THR B 38 -9.78 -10.12 7.45
C THR B 38 -10.15 -10.31 8.91
N GLN B 39 -11.07 -9.48 9.41
CA GLN B 39 -11.53 -9.54 10.79
C GLN B 39 -12.10 -10.93 11.11
N ARG B 40 -12.65 -11.60 10.11
CA ARG B 40 -13.24 -12.89 10.36
C ARG B 40 -12.26 -13.89 10.91
N PHE B 41 -10.97 -13.70 10.67
CA PHE B 41 -10.01 -14.65 11.21
C PHE B 41 -9.60 -14.31 12.66
N PHE B 42 -10.10 -13.18 13.17
CA PHE B 42 -9.60 -12.61 14.43
C PHE B 42 -10.73 -12.26 15.42
N GLU B 43 -11.90 -12.83 15.21
CA GLU B 43 -13.07 -12.45 16.00
C GLU B 43 -12.93 -12.79 17.51
N SER B 44 -12.12 -13.81 17.79
CA SER B 44 -11.65 -14.14 19.14
C SER B 44 -11.11 -12.92 19.89
N PHE B 45 -10.25 -12.16 19.24
CA PHE B 45 -9.61 -11.00 19.83
C PHE B 45 -10.65 -10.05 20.43
N GLY B 46 -11.92 -10.28 20.16
CA GLY B 46 -12.93 -9.43 20.76
C GLY B 46 -13.26 -8.18 19.96
N ASP B 47 -13.38 -7.07 20.67
CA ASP B 47 -14.08 -5.89 20.16
C ASP B 47 -13.29 -5.23 19.03
N LEU B 48 -13.77 -5.38 17.80
CA LEU B 48 -13.11 -4.77 16.65
C LEU B 48 -14.01 -3.83 15.85
N SER B 49 -15.00 -3.26 16.52
CA SER B 49 -16.04 -2.48 15.84
C SER B 49 -15.62 -1.11 15.28
N THR B 50 -14.69 -0.48 15.98
CA THR B 50 -14.21 0.84 15.62
C THR B 50 -12.71 0.69 15.38
N PRO B 51 -12.07 1.68 14.72
CA PRO B 51 -10.62 1.67 14.61
C PRO B 51 -9.91 1.82 15.94
N ASP B 52 -10.57 2.43 16.91
CA ASP B 52 -9.91 2.68 18.21
C ASP B 52 -10.07 1.48 19.12
N ALA B 53 -11.19 0.79 18.94
CA ALA B 53 -11.31 -0.56 19.46
C ALA B 53 -10.11 -1.41 18.99
N VAL B 54 -9.83 -1.38 17.71
CA VAL B 54 -8.80 -2.23 17.13
C VAL B 54 -7.38 -1.88 17.57
N MET B 55 -6.97 -0.62 17.46
CA MET B 55 -5.60 -0.29 17.76
C MET B 55 -5.24 -0.45 19.21
N GLY B 56 -6.25 -0.43 20.08
CA GLY B 56 -5.97 -0.48 21.50
C GLY B 56 -6.21 -1.86 22.08
N ASN B 57 -6.43 -2.84 21.20
CA ASN B 57 -6.66 -4.23 21.60
C ASN B 57 -5.37 -4.91 21.96
N PRO B 58 -5.26 -5.42 23.20
CA PRO B 58 -3.92 -5.88 23.58
C PRO B 58 -3.58 -7.14 22.81
N LYS B 59 -4.60 -7.89 22.42
CA LYS B 59 -4.36 -9.07 21.59
C LYS B 59 -3.89 -8.70 20.16
N VAL B 60 -4.35 -7.58 19.66
CA VAL B 60 -3.88 -7.12 18.36
C VAL B 60 -2.37 -6.81 18.44
N LYS B 61 -1.93 -6.18 19.51
CA LYS B 61 -0.52 -5.77 19.59
C LYS B 61 0.37 -6.99 19.83
N ALA B 62 -0.17 -7.93 20.58
CA ALA B 62 0.59 -9.13 20.83
C ALA B 62 0.74 -10.03 19.59
N HIS B 63 -0.31 -10.12 18.77
CA HIS B 63 -0.16 -10.89 17.54
C HIS B 63 0.67 -10.15 16.47
N GLY B 64 0.53 -8.84 16.39
CA GLY B 64 1.33 -8.09 15.44
C GLY B 64 2.81 -8.34 15.65
N LYS B 65 3.20 -8.54 16.91
CA LYS B 65 4.60 -8.66 17.28
C LYS B 65 5.18 -10.02 16.90
N LYS B 66 4.34 -11.04 16.96
CA LYS B 66 4.68 -12.40 16.46
C LYS B 66 4.98 -12.37 14.95
N VAL B 67 4.12 -11.63 14.25
CA VAL B 67 4.12 -11.48 12.82
C VAL B 67 5.43 -10.82 12.43
N LEU B 68 5.76 -9.72 13.08
CA LEU B 68 7.01 -8.99 12.85
C LEU B 68 8.22 -9.90 13.10
N GLY B 69 8.11 -10.78 14.11
CA GLY B 69 9.15 -11.76 14.35
C GLY B 69 9.42 -12.59 13.12
N ALA B 70 8.35 -12.97 12.44
CA ALA B 70 8.47 -13.80 11.26
C ALA B 70 9.09 -13.00 10.11
N PHE B 71 8.82 -11.71 10.03
CA PHE B 71 9.48 -10.95 8.97
C PHE B 71 10.97 -10.87 9.19
N SER B 72 11.38 -10.59 10.44
CA SER B 72 12.79 -10.56 10.76
C SER B 72 13.52 -11.86 10.37
N ASP B 73 12.82 -12.98 10.53
CA ASP B 73 13.34 -14.27 10.05
C ASP B 73 13.56 -14.36 8.53
N GLY B 74 12.57 -13.90 7.75
CA GLY B 74 12.74 -13.80 6.32
C GLY B 74 13.86 -12.84 5.92
N LEU B 75 13.97 -11.72 6.63
CA LEU B 75 15.09 -10.82 6.39
C LEU B 75 16.38 -11.56 6.68
N ALA B 76 16.37 -12.37 7.72
CA ALA B 76 17.54 -13.13 8.12
C ALA B 76 17.83 -14.17 7.05
N HIS B 77 16.80 -14.59 6.30
CA HIS B 77 16.92 -15.79 5.45
C HIS B 77 16.46 -15.67 4.00
N LEU B 78 16.71 -14.52 3.37
CA LEU B 78 16.25 -14.32 1.98
C LEU B 78 16.57 -15.46 1.00
N ASP B 79 17.66 -16.19 1.25
CA ASP B 79 18.15 -17.16 0.29
C ASP B 79 17.41 -18.47 0.43
N ASN B 80 16.58 -18.58 1.46
CA ASN B 80 15.67 -19.71 1.64
C ASN B 80 14.45 -19.31 2.46
N LEU B 81 13.61 -18.46 1.88
CA LEU B 81 12.32 -18.07 2.46
C LEU B 81 11.41 -19.28 2.51
N LYS B 82 11.46 -20.10 1.47
CA LYS B 82 10.74 -21.35 1.45
C LYS B 82 10.97 -22.16 2.73
N GLY B 83 12.21 -22.62 2.92
CA GLY B 83 12.54 -23.46 4.05
C GLY B 83 12.08 -22.80 5.34
N THR B 84 12.40 -21.52 5.42
CA THR B 84 12.05 -20.69 6.57
C THR B 84 10.56 -20.63 6.89
N PHE B 85 9.68 -20.81 5.90
CA PHE B 85 8.27 -20.53 6.11
C PHE B 85 7.36 -21.76 6.10
N ALA B 86 7.97 -22.94 6.00
CA ALA B 86 7.26 -24.19 5.78
C ALA B 86 6.14 -24.38 6.76
N THR B 87 6.43 -24.20 8.03
CA THR B 87 5.40 -24.50 9.04
C THR B 87 4.31 -23.45 9.06
N LEU B 88 4.67 -22.19 8.81
CA LEU B 88 3.70 -21.10 8.70
C LEU B 88 2.77 -21.25 7.48
N SER B 89 3.36 -21.53 6.33
CA SER B 89 2.61 -21.85 5.12
C SER B 89 1.61 -22.98 5.33
N GLU B 90 2.13 -24.15 5.70
CA GLU B 90 1.27 -25.18 6.26
C GLU B 90 0.16 -24.66 7.15
N LEU B 91 0.47 -23.83 8.15
CA LEU B 91 -0.56 -23.24 9.02
C LEU B 91 -1.63 -22.43 8.26
N HIS B 92 -1.17 -21.48 7.44
CA HIS B 92 -2.07 -20.45 6.88
C HIS B 92 -2.88 -21.04 5.71
N CYS B 93 -2.27 -21.94 4.98
CA CYS B 93 -2.92 -22.55 3.83
C CYS B 93 -3.83 -23.68 4.30
N ASP B 94 -3.20 -24.76 4.78
CA ASP B 94 -3.90 -26.00 5.12
C ASP B 94 -4.91 -25.81 6.21
N LYS B 95 -4.46 -25.29 7.33
CA LYS B 95 -5.29 -25.22 8.48
C LYS B 95 -6.31 -24.09 8.39
N LEU B 96 -5.85 -22.87 8.17
CA LEU B 96 -6.68 -21.66 8.27
C LEU B 96 -7.41 -21.34 6.94
N HIS B 97 -6.79 -21.71 5.82
CA HIS B 97 -7.37 -21.47 4.50
C HIS B 97 -7.43 -19.99 4.06
N VAL B 98 -6.40 -19.21 4.45
CA VAL B 98 -6.27 -17.80 4.08
C VAL B 98 -5.97 -17.66 2.59
N ASP B 99 -6.68 -16.77 1.90
CA ASP B 99 -6.40 -16.49 0.49
C ASP B 99 -5.08 -15.78 0.39
N PRO B 100 -4.24 -16.18 -0.55
CA PRO B 100 -2.89 -15.61 -0.52
C PRO B 100 -2.87 -14.16 -0.85
N GLU B 101 -3.96 -13.66 -1.43
CA GLU B 101 -4.01 -12.23 -1.77
C GLU B 101 -3.86 -11.39 -0.49
N ASN B 102 -4.38 -11.93 0.63
CA ASN B 102 -4.28 -11.25 1.91
C ASN B 102 -2.85 -11.20 2.46
N PHE B 103 -1.99 -12.14 2.06
CA PHE B 103 -0.54 -12.02 2.34
C PHE B 103 0.01 -10.79 1.65
N ARG B 104 -0.39 -10.54 0.38
CA ARG B 104 0.08 -9.35 -0.33
C ARG B 104 -0.34 -8.04 0.37
N LEU B 105 -1.58 -8.00 0.82
CA LEU B 105 -2.17 -6.87 1.54
C LEU B 105 -1.48 -6.58 2.86
N LEU B 106 -1.22 -7.63 3.64
CA LEU B 106 -0.46 -7.50 4.87
C LEU B 106 0.93 -6.92 4.60
N GLY B 107 1.57 -7.39 3.50
CA GLY B 107 2.86 -6.84 3.18
C GLY B 107 2.80 -5.38 2.82
N ASN B 108 1.75 -5.01 2.09
CA ASN B 108 1.64 -3.63 1.62
C ASN B 108 1.26 -2.64 2.74
N VAL B 109 0.45 -3.10 3.71
CA VAL B 109 0.20 -2.20 4.81
C VAL B 109 1.44 -2.10 5.71
N LEU B 110 2.28 -3.15 5.73
CA LEU B 110 3.58 -3.06 6.43
C LEU B 110 4.45 -1.96 5.82
N VAL B 111 4.52 -1.92 4.48
CA VAL B 111 5.24 -0.85 3.78
C VAL B 111 4.67 0.57 4.09
N CYS B 112 3.35 0.73 4.11
CA CYS B 112 2.72 1.97 4.60
C CYS B 112 3.15 2.30 6.03
N VAL B 113 3.13 1.33 6.93
CA VAL B 113 3.53 1.61 8.29
C VAL B 113 4.99 2.04 8.38
N LEU B 114 5.88 1.33 7.68
CA LEU B 114 7.26 1.79 7.58
C LEU B 114 7.40 3.20 7.01
N ALA B 115 6.67 3.52 5.93
CA ALA B 115 6.66 4.87 5.38
C ALA B 115 6.18 5.86 6.44
N HIS B 116 5.15 5.46 7.16
CA HIS B 116 4.54 6.35 8.10
C HIS B 116 5.54 6.68 9.19
N HIS B 117 6.31 5.69 9.60
CA HIS B 117 7.24 5.85 10.70
C HIS B 117 8.55 6.49 10.32
N PHE B 118 8.99 6.28 9.09
CA PHE B 118 10.29 6.77 8.67
C PHE B 118 10.24 7.96 7.75
N GLY B 119 9.06 8.35 7.24
CA GLY B 119 8.97 9.59 6.51
C GLY B 119 9.93 9.61 5.31
N LYS B 120 10.61 10.73 5.08
CA LYS B 120 11.59 10.88 4.01
C LYS B 120 12.73 9.85 3.99
N GLU B 121 13.04 9.25 5.13
CA GLU B 121 14.03 8.21 5.13
C GLU B 121 13.55 7.08 4.20
N PHE B 122 12.24 6.98 4.02
CA PHE B 122 11.70 5.83 3.31
C PHE B 122 11.53 6.18 1.83
N THR B 123 12.67 6.47 1.20
CA THR B 123 12.74 6.90 -0.21
C THR B 123 12.18 5.86 -1.19
N PRO B 124 12.02 6.24 -2.46
CA PRO B 124 11.47 5.28 -3.43
C PRO B 124 12.33 4.03 -3.62
N PRO B 125 13.68 4.18 -3.62
CA PRO B 125 14.50 2.99 -3.77
C PRO B 125 14.33 2.07 -2.58
N VAL B 126 14.22 2.65 -1.38
CA VAL B 126 14.11 1.82 -0.17
C VAL B 126 12.76 1.07 -0.19
N GLN B 127 11.72 1.77 -0.63
CA GLN B 127 10.47 1.11 -0.85
C GLN B 127 10.61 -0.02 -1.84
N ALA B 128 11.28 0.22 -2.97
CA ALA B 128 11.35 -0.81 -4.02
C ALA B 128 12.04 -2.10 -3.52
N ALA B 129 13.08 -1.93 -2.73
CA ALA B 129 13.70 -3.11 -2.08
C ALA B 129 12.75 -3.78 -1.07
N TYR B 130 11.98 -3.00 -0.35
CA TYR B 130 11.03 -3.59 0.57
C TYR B 130 9.88 -4.27 -0.13
N GLN B 131 9.50 -3.80 -1.30
CA GLN B 131 8.41 -4.47 -2.04
C GLN B 131 8.92 -5.84 -2.51
N LYS B 132 10.24 -6.00 -2.71
CA LYS B 132 10.76 -7.32 -3.09
C LYS B 132 10.67 -8.29 -1.91
N VAL B 133 11.11 -7.85 -0.74
CA VAL B 133 11.08 -8.72 0.45
C VAL B 133 9.63 -9.14 0.71
N VAL B 134 8.79 -8.14 0.89
CA VAL B 134 7.37 -8.33 1.07
C VAL B 134 6.76 -9.37 0.07
N ALA B 135 7.11 -9.29 -1.20
CA ALA B 135 6.54 -10.20 -2.17
C ALA B 135 7.04 -11.61 -1.98
N GLY B 136 8.31 -11.74 -1.63
CA GLY B 136 8.92 -13.05 -1.42
C GLY B 136 8.43 -13.81 -0.19
N VAL B 137 8.05 -13.04 0.83
CA VAL B 137 7.47 -13.61 2.02
C VAL B 137 6.06 -14.08 1.70
N ALA B 138 5.35 -13.29 0.88
CA ALA B 138 3.97 -13.58 0.51
C ALA B 138 3.98 -14.83 -0.32
N ASN B 139 5.03 -14.96 -1.11
CA ASN B 139 5.14 -16.14 -1.91
C ASN B 139 5.54 -17.40 -1.14
N ALA B 140 6.51 -17.31 -0.24
CA ALA B 140 6.85 -18.47 0.57
C ALA B 140 5.63 -18.95 1.37
N LEU B 141 4.83 -17.99 1.84
CA LEU B 141 3.66 -18.33 2.63
C LEU B 141 2.63 -19.04 1.76
N ALA B 142 2.57 -18.70 0.49
CA ALA B 142 1.55 -19.31 -0.31
C ALA B 142 2.07 -20.64 -0.82
N HIS B 143 3.29 -21.02 -0.44
CA HIS B 143 3.91 -22.18 -1.07
C HIS B 143 3.03 -23.42 -0.98
N LYS B 144 2.39 -23.61 0.15
CA LYS B 144 1.63 -24.82 0.35
C LYS B 144 0.37 -24.87 -0.50
N TYR B 145 -0.07 -23.72 -1.00
CA TYR B 145 -1.16 -23.66 -1.98
C TYR B 145 -0.64 -24.19 -3.32
N HIS B 146 0.65 -23.94 -3.53
CA HIS B 146 1.33 -24.14 -4.80
C HIS B 146 1.55 -25.62 -5.06
CHA HEM C . -2.44 9.67 -18.74
CHB HEM C . -4.63 10.24 -14.49
CHC HEM C . -3.75 5.68 -13.46
CHD HEM C . -1.26 5.11 -17.67
C1A HEM C . -3.00 10.25 -17.64
C2A HEM C . -3.46 11.62 -17.58
C3A HEM C . -4.06 11.78 -16.29
C4A HEM C . -3.97 10.48 -15.64
CMA HEM C . -4.72 13.06 -15.69
CAA HEM C . -3.53 12.69 -18.69
CBA HEM C . -4.77 12.54 -19.60
CGA HEM C . -4.93 13.72 -20.61
O1A HEM C . -5.24 14.85 -20.17
O2A HEM C . -4.72 13.53 -21.82
C1B HEM C . -4.62 9.00 -13.87
C2B HEM C . -5.28 8.75 -12.57
C3B HEM C . -5.02 7.49 -12.30
C4B HEM C . -4.11 7.02 -13.31
CMB HEM C . -5.79 9.80 -11.57
CAB HEM C . -5.66 6.75 -11.27
CBB HEM C . -5.26 6.95 -9.93
C1C HEM C . -2.93 5.11 -14.52
C2C HEM C . -2.19 3.86 -14.42
C3C HEM C . -1.48 3.79 -15.54
C4C HEM C . -1.72 4.91 -16.33
CMC HEM C . -2.42 2.87 -13.25
CAC HEM C . -0.50 2.92 -15.95
CBC HEM C . 0.34 2.18 -15.06
C1D HEM C . -1.48 6.29 -18.40
C2D HEM C . -0.91 6.55 -19.71
C3D HEM C . -1.28 7.77 -20.00
C4D HEM C . -1.96 8.36 -18.88
CMD HEM C . 0.32 5.82 -20.26
CAD HEM C . -0.72 8.53 -21.17
CBD HEM C . 0.68 9.07 -20.88
CGD HEM C . 1.06 10.11 -21.89
O1D HEM C . 1.01 9.81 -23.10
O2D HEM C . 1.33 11.28 -21.50
NA HEM C . -3.25 9.57 -16.44
NB HEM C . -3.89 7.95 -14.31
NC HEM C . -2.55 5.82 -15.64
ND HEM C . -2.08 7.46 -17.87
FE HEM C . -2.99 7.74 -16.11
C ENC D . -1.45 7.95 -15.45
N ENC D . -0.62 8.38 -15.01
C1 ENC D . 0.47 7.86 -14.64
C2 ENC D . 0.20 6.74 -13.73
CHA HEM E . -0.87 -16.85 12.95
CHB HEM E . 2.73 -14.78 10.48
CHC HEM E . -0.62 -13.17 7.34
CHD HEM E . -4.24 -15.08 9.94
C1A HEM E . 0.43 -16.34 12.62
C2A HEM E . 1.68 -16.32 13.45
C3A HEM E . 2.61 -15.74 12.76
C4A HEM E . 2.07 -15.34 11.51
CMA HEM E . 4.01 -15.72 13.17
CAA HEM E . 1.82 -16.82 14.84
CBA HEM E . 1.84 -18.31 14.70
CGA HEM E . 2.37 -18.97 15.95
O1A HEM E . 3.41 -19.68 15.87
O2A HEM E . 1.75 -18.73 17.00
C1B HEM E . 2.10 -14.37 9.34
C2B HEM E . 2.82 -13.60 8.45
C3B HEM E . 1.91 -13.16 7.53
C4B HEM E . 0.58 -13.61 7.94
CMB HEM E . 4.31 -13.25 8.46
CAB HEM E . 2.28 -12.41 6.40
CBB HEM E . 1.98 -12.63 5.05
C1C HEM E . -1.89 -13.43 7.76
C2C HEM E . -3.15 -13.01 7.11
C3C HEM E . -4.17 -13.59 7.83
C4C HEM E . -3.56 -14.43 8.92
CMC HEM E . -3.36 -11.95 6.00
CAC HEM E . -5.57 -13.46 7.56
CBC HEM E . -6.20 -12.25 7.71
C1D HEM E . -3.59 -15.56 11.08
C2D HEM E . -4.26 -16.38 12.11
C3D HEM E . -3.27 -16.88 12.93
C4D HEM E . -2.07 -16.44 12.42
CMD HEM E . -5.76 -16.75 12.18
CAD HEM E . -3.48 -17.73 14.17
CBD HEM E . -3.50 -19.22 13.87
CGD HEM E . -3.84 -20.06 15.08
O1D HEM E . -3.63 -19.61 16.24
O2D HEM E . -4.28 -21.22 14.88
NA HEM E . 0.69 -15.64 11.43
NB HEM E . 0.75 -14.38 9.06
NC HEM E . -2.17 -14.26 8.90
ND HEM E . -2.26 -15.58 11.29
FE HEM E . -0.72 -15.05 10.12
C ENC F . -0.71 -13.39 10.72
N ENC F . -1.44 -12.97 11.31
C1 ENC F . -2.04 -11.74 10.80
C2 ENC F . -1.31 -10.55 11.30
#